data_7MY4
#
_entry.id   7MY4
#
_cell.length_a   60.957
_cell.length_b   60.957
_cell.length_c   89.021
_cell.angle_alpha   90.000
_cell.angle_beta   90.000
_cell.angle_gamma   120.000
#
_symmetry.space_group_name_H-M   'P 32'
#
loop_
_entity.id
_entity.type
_entity.pdbx_description
1 polymer 'Sperm autoantigenic protein 17'
2 water water
#
_entity_poly.entity_id   1
_entity_poly.type   'polypeptide(L)'
_entity_poly.pdbx_seq_one_letter_code
;GPMAVPFSNTHLRIPRGFGNLLEGLTREVLREQPEDIATFAAVYFTELLKAREESGLDPAEWGAKLEDRFYNNH
;
_entity_poly.pdbx_strand_id   A,B,C,D
#
# COMPACT_ATOMS: atom_id res chain seq x y z
N ASN A 9 -8.07 -46.86 8.18
CA ASN A 9 -8.18 -45.90 9.28
C ASN A 9 -6.84 -45.29 9.60
N THR A 10 -6.85 -44.00 9.92
CA THR A 10 -5.62 -43.27 10.15
C THR A 10 -5.30 -43.24 11.65
N HIS A 11 -4.09 -43.66 11.99
CA HIS A 11 -3.54 -43.57 13.34
C HIS A 11 -2.14 -43.02 13.15
N LEU A 12 -1.89 -41.79 13.61
CA LEU A 12 -0.60 -41.16 13.42
C LEU A 12 -0.03 -40.72 14.76
N ARG A 13 1.30 -40.72 14.87
CA ARG A 13 1.99 -40.19 16.03
C ARG A 13 2.48 -38.80 15.71
N ILE A 14 2.34 -37.88 16.65
CA ILE A 14 2.58 -36.46 16.38
C ILE A 14 3.36 -35.86 17.53
N PRO A 15 4.01 -34.70 17.31
CA PRO A 15 4.90 -34.14 18.32
C PRO A 15 4.14 -33.78 19.59
N ARG A 16 4.83 -33.87 20.71
CA ARG A 16 4.24 -33.42 21.97
C ARG A 16 3.77 -31.98 21.81
N GLY A 17 2.50 -31.77 22.13
CA GLY A 17 1.85 -30.47 22.07
C GLY A 17 0.97 -30.27 20.85
N PHE A 18 1.23 -31.02 19.77
CA PHE A 18 0.42 -30.85 18.57
C PHE A 18 -1.02 -31.33 18.80
N GLY A 19 -1.21 -32.32 19.68
CA GLY A 19 -2.57 -32.69 20.02
C GLY A 19 -3.33 -31.54 20.63
N ASN A 20 -2.70 -30.83 21.56
CA ASN A 20 -3.34 -29.66 22.13
C ASN A 20 -3.59 -28.58 21.07
N LEU A 21 -2.66 -28.42 20.14
CA LEU A 21 -2.86 -27.40 19.11
C LEU A 21 -4.12 -27.70 18.31
N LEU A 22 -4.27 -28.95 17.86
CA LEU A 22 -5.47 -29.35 17.13
C LEU A 22 -6.73 -29.23 17.99
N GLU A 23 -6.61 -29.58 19.28
CA GLU A 23 -7.77 -29.50 20.16
C GLU A 23 -8.27 -28.07 20.30
N GLY A 24 -7.34 -27.11 20.37
CA GLY A 24 -7.74 -25.71 20.51
C GLY A 24 -8.53 -25.24 19.30
N LEU A 25 -8.03 -25.57 18.11
CA LEU A 25 -8.77 -25.28 16.90
C LEU A 25 -10.15 -25.94 16.95
N THR A 26 -10.17 -27.22 17.28
CA THR A 26 -11.40 -27.99 17.23
C THR A 26 -12.44 -27.41 18.16
N ARG A 27 -12.03 -27.09 19.39
CA ARG A 27 -12.99 -26.55 20.34
C ARG A 27 -13.52 -25.21 19.89
N GLU A 28 -12.69 -24.39 19.23
N GLU A 28 -12.70 -24.40 19.23
CA GLU A 28 -13.22 -23.10 18.79
CA GLU A 28 -13.19 -23.10 18.77
C GLU A 28 -14.14 -23.26 17.57
C GLU A 28 -14.10 -23.24 17.55
N VAL A 29 -13.84 -24.22 16.68
CA VAL A 29 -14.78 -24.54 15.60
C VAL A 29 -16.13 -24.99 16.17
N LEU A 30 -16.11 -25.84 17.18
CA LEU A 30 -17.36 -26.27 17.76
C LEU A 30 -18.11 -25.12 18.43
N ARG A 31 -17.38 -24.22 19.09
CA ARG A 31 -18.00 -23.10 19.79
C ARG A 31 -18.65 -22.11 18.83
N GLU A 32 -18.05 -21.91 17.66
N GLU A 32 -18.02 -21.91 17.67
CA GLU A 32 -18.48 -20.85 16.76
CA GLU A 32 -18.47 -20.86 16.77
C GLU A 32 -19.40 -21.38 15.68
C GLU A 32 -19.37 -21.40 15.66
N GLN A 33 -19.30 -22.66 15.33
CA GLN A 33 -20.04 -23.24 14.19
C GLN A 33 -19.88 -22.36 12.94
N PRO A 34 -18.66 -22.16 12.49
CA PRO A 34 -18.46 -21.40 11.25
C PRO A 34 -19.11 -22.09 10.07
N GLU A 35 -19.72 -21.28 9.20
CA GLU A 35 -20.23 -21.84 7.96
C GLU A 35 -19.10 -22.34 7.06
N ASP A 36 -17.91 -21.73 7.14
CA ASP A 36 -16.74 -22.09 6.30
C ASP A 36 -15.57 -22.42 7.23
N ILE A 37 -15.37 -23.71 7.48
CA ILE A 37 -14.42 -24.10 8.53
C ILE A 37 -12.99 -23.74 8.14
N ALA A 38 -12.60 -23.97 6.88
CA ALA A 38 -11.22 -23.68 6.49
C ALA A 38 -10.89 -22.21 6.62
N THR A 39 -11.83 -21.33 6.25
CA THR A 39 -11.58 -19.91 6.47
C THR A 39 -11.43 -19.61 7.95
N PHE A 40 -12.29 -20.20 8.77
CA PHE A 40 -12.20 -20.01 10.21
C PHE A 40 -10.86 -20.50 10.78
N ALA A 41 -10.38 -21.63 10.27
CA ALA A 41 -9.11 -22.17 10.74
C ALA A 41 -7.96 -21.24 10.43
N ALA A 42 -7.99 -20.62 9.25
CA ALA A 42 -6.90 -19.70 8.94
C ALA A 42 -6.94 -18.51 9.88
N VAL A 43 -8.13 -18.03 10.19
CA VAL A 43 -8.25 -16.92 11.14
C VAL A 43 -7.83 -17.35 12.54
N TYR A 44 -8.22 -18.56 12.94
CA TYR A 44 -7.82 -19.09 14.24
C TYR A 44 -6.31 -19.03 14.43
N PHE A 45 -5.55 -19.55 13.45
CA PHE A 45 -4.10 -19.59 13.62
C PHE A 45 -3.49 -18.20 13.49
N THR A 46 -4.05 -17.35 12.64
CA THR A 46 -3.58 -15.97 12.59
C THR A 46 -3.72 -15.31 13.95
N GLU A 47 -4.88 -15.45 14.59
N GLU A 47 -4.88 -15.45 14.58
CA GLU A 47 -5.11 -14.80 15.87
CA GLU A 47 -5.12 -14.81 15.87
C GLU A 47 -4.28 -15.45 16.98
C GLU A 47 -4.28 -15.46 16.97
N LEU A 48 -4.10 -16.79 16.92
CA LEU A 48 -3.27 -17.46 17.92
C LEU A 48 -1.83 -16.99 17.82
N LEU A 49 -1.36 -16.79 16.60
CA LEU A 49 0.00 -16.29 16.40
C LEU A 49 0.16 -14.86 16.91
N LYS A 50 -0.85 -14.01 16.71
CA LYS A 50 -0.79 -12.66 17.26
C LYS A 50 -0.71 -12.69 18.77
N ALA A 51 -1.49 -13.58 19.40
CA ALA A 51 -1.45 -13.70 20.85
C ALA A 51 -0.09 -14.18 21.32
N ARG A 52 0.48 -15.15 20.61
CA ARG A 52 1.82 -15.62 20.97
C ARG A 52 2.84 -14.50 20.85
N GLU A 53 2.78 -13.74 19.76
N GLU A 53 2.77 -13.73 19.77
CA GLU A 53 3.69 -12.62 19.56
CA GLU A 53 3.71 -12.62 19.59
C GLU A 53 3.58 -11.62 20.71
C GLU A 53 3.59 -11.62 20.73
N GLU A 54 2.36 -11.25 21.08
CA GLU A 54 2.17 -10.23 22.10
C GLU A 54 2.67 -10.68 23.46
N SER A 55 2.57 -11.98 23.75
N SER A 55 2.59 -11.99 23.74
CA SER A 55 3.05 -12.56 24.99
CA SER A 55 3.05 -12.54 25.01
C SER A 55 4.57 -12.66 25.07
C SER A 55 4.58 -12.62 25.09
N GLY A 56 5.29 -12.43 23.97
CA GLY A 56 6.72 -12.65 23.94
C GLY A 56 7.16 -14.08 23.73
N LEU A 57 6.26 -14.95 23.27
CA LEU A 57 6.54 -16.37 23.14
C LEU A 57 6.90 -16.79 21.71
N ASP A 58 7.09 -15.85 20.80
CA ASP A 58 7.59 -16.25 19.50
C ASP A 58 8.95 -16.91 19.66
N PRO A 59 9.23 -17.99 18.91
CA PRO A 59 10.55 -18.62 19.00
C PRO A 59 11.67 -17.65 18.68
N ALA A 60 12.74 -17.73 19.46
CA ALA A 60 13.92 -16.90 19.22
C ALA A 60 14.57 -17.34 17.93
N GLU A 61 14.89 -16.40 17.08
CA GLU A 61 15.57 -16.69 15.83
C GLU A 61 16.96 -16.09 15.99
N TRP A 62 17.92 -16.90 16.41
CA TRP A 62 19.22 -16.35 16.81
C TRP A 62 20.07 -15.96 15.60
N GLY A 63 19.71 -16.40 14.40
CA GLY A 63 20.37 -15.86 13.22
C GLY A 63 19.76 -14.61 12.68
N ALA A 64 18.60 -14.21 13.22
CA ALA A 64 17.84 -13.09 12.71
C ALA A 64 18.25 -11.81 13.44
N LYS A 65 17.86 -10.67 12.90
CA LYS A 65 18.25 -9.41 13.52
C LYS A 65 17.77 -9.38 14.96
N LEU A 66 18.65 -8.96 15.87
CA LEU A 66 18.29 -8.69 17.26
C LEU A 66 17.59 -7.33 17.29
N GLU A 67 16.32 -7.34 16.88
N GLU A 67 16.33 -7.34 16.88
CA GLU A 67 15.60 -6.10 16.62
CA GLU A 67 15.61 -6.09 16.63
C GLU A 67 15.01 -5.46 17.86
C GLU A 67 15.15 -5.41 17.91
N ASP A 68 14.93 -6.17 18.99
CA ASP A 68 14.39 -5.57 20.20
C ASP A 68 15.53 -4.91 20.98
N ARG A 69 15.15 -4.11 21.96
CA ARG A 69 16.12 -3.34 22.73
C ARG A 69 15.85 -3.48 24.21
N PHE A 70 16.92 -3.51 25.01
CA PHE A 70 16.82 -3.53 26.46
C PHE A 70 17.67 -2.41 27.03
N TYR A 71 17.12 -1.64 27.96
CA TYR A 71 17.85 -0.55 28.57
C TYR A 71 17.90 -0.72 30.08
N ASN A 72 19.03 -0.36 30.69
CA ASN A 72 19.11 -0.26 32.15
C ASN A 72 20.25 0.69 32.49
N ASN A 73 19.96 1.66 33.35
CA ASN A 73 20.92 2.68 33.75
C ASN A 73 21.80 2.20 34.89
N HIS A 74 23.01 2.76 34.95
CA HIS A 74 23.87 2.58 36.11
C HIS A 74 24.61 3.86 36.52
N ASN B 9 19.30 42.27 -14.37
CA ASN B 9 17.90 42.02 -14.70
C ASN B 9 17.85 40.86 -15.67
N THR B 10 16.86 40.00 -15.48
CA THR B 10 16.72 38.79 -16.29
C THR B 10 15.76 39.07 -17.44
N HIS B 11 16.21 38.76 -18.65
CA HIS B 11 15.40 38.78 -19.86
C HIS B 11 15.71 37.47 -20.56
N LEU B 12 14.73 36.57 -20.64
CA LEU B 12 14.94 35.26 -21.22
C LEU B 12 13.92 35.02 -22.33
N ARG B 13 14.34 34.26 -23.35
CA ARG B 13 13.44 33.83 -24.41
C ARG B 13 13.03 32.40 -24.12
N ILE B 14 11.75 32.10 -24.32
CA ILE B 14 11.18 30.82 -23.89
C ILE B 14 10.29 30.26 -24.99
N PRO B 15 9.99 28.95 -24.93
CA PRO B 15 9.24 28.33 -26.03
C PRO B 15 7.85 28.93 -26.15
N ARG B 16 7.36 28.96 -27.39
CA ARG B 16 5.98 29.33 -27.62
C ARG B 16 5.06 28.53 -26.73
N GLY B 17 4.23 29.24 -25.97
CA GLY B 17 3.28 28.64 -25.06
C GLY B 17 3.70 28.64 -23.61
N PHE B 18 5.01 28.69 -23.33
CA PHE B 18 5.47 28.67 -21.94
C PHE B 18 5.07 29.96 -21.22
N GLY B 19 4.97 31.08 -21.93
CA GLY B 19 4.47 32.28 -21.31
C GLY B 19 3.06 32.08 -20.78
N ASN B 20 2.21 31.47 -21.59
CA ASN B 20 0.86 31.18 -21.13
C ASN B 20 0.87 30.20 -19.96
N LEU B 21 1.76 29.22 -19.99
CA LEU B 21 1.81 28.28 -18.88
C LEU B 21 2.11 29.02 -17.57
N LEU B 22 3.13 29.89 -17.59
CA LEU B 22 3.45 30.68 -16.41
C LEU B 22 2.31 31.60 -16.03
N GLU B 23 1.64 32.18 -17.03
CA GLU B 23 0.54 33.09 -16.73
C GLU B 23 -0.59 32.38 -16.00
N GLY B 24 -0.87 31.13 -16.40
CA GLY B 24 -1.96 30.40 -15.76
C GLY B 24 -1.69 30.14 -14.29
N LEU B 25 -0.46 29.71 -13.99
CA LEU B 25 -0.03 29.58 -12.60
C LEU B 25 -0.18 30.91 -11.88
N THR B 26 0.36 31.96 -12.48
CA THR B 26 0.41 33.25 -11.80
C THR B 26 -0.99 33.74 -11.46
N ARG B 27 -1.90 33.65 -12.42
CA ARG B 27 -3.26 34.14 -12.16
C ARG B 27 -3.94 33.32 -11.07
N GLU B 28 -3.68 32.01 -11.01
CA GLU B 28 -4.29 31.23 -9.94
C GLU B 28 -3.66 31.52 -8.58
N VAL B 29 -2.35 31.80 -8.54
CA VAL B 29 -1.73 32.26 -7.29
C VAL B 29 -2.37 33.57 -6.82
N LEU B 30 -2.58 34.48 -7.74
CA LEU B 30 -3.18 35.75 -7.34
C LEU B 30 -4.62 35.56 -6.88
N ARG B 31 -5.37 34.68 -7.55
CA ARG B 31 -6.78 34.44 -7.20
C ARG B 31 -6.92 33.80 -5.82
N GLU B 32 -5.99 32.92 -5.48
N GLU B 32 -5.99 32.94 -5.43
CA GLU B 32 -6.10 32.15 -4.25
CA GLU B 32 -6.10 32.16 -4.22
C GLU B 32 -5.34 32.74 -3.07
C GLU B 32 -5.36 32.72 -3.04
N GLN B 33 -4.30 33.51 -3.29
CA GLN B 33 -3.43 34.01 -2.24
C GLN B 33 -2.99 32.90 -1.29
N PRO B 34 -2.35 31.85 -1.83
CA PRO B 34 -1.87 30.78 -0.97
C PRO B 34 -0.85 31.30 0.02
N GLU B 35 -0.94 30.80 1.27
CA GLU B 35 0.10 31.13 2.23
C GLU B 35 1.45 30.53 1.85
N ASP B 36 1.45 29.40 1.13
CA ASP B 36 2.69 28.70 0.72
C ASP B 36 2.64 28.53 -0.80
N ILE B 37 3.33 29.42 -1.52
CA ILE B 37 3.16 29.48 -2.97
C ILE B 37 3.74 28.25 -3.64
N ALA B 38 4.91 27.77 -3.18
CA ALA B 38 5.51 26.62 -3.84
C ALA B 38 4.65 25.37 -3.69
N THR B 39 4.04 25.16 -2.53
CA THR B 39 3.13 24.03 -2.40
C THR B 39 1.95 24.18 -3.34
N PHE B 40 1.42 25.40 -3.42
CA PHE B 40 0.30 25.66 -4.33
C PHE B 40 0.69 25.40 -5.79
N ALA B 41 1.91 25.80 -6.18
CA ALA B 41 2.36 25.58 -7.55
C ALA B 41 2.44 24.10 -7.87
N ALA B 42 2.90 23.29 -6.92
CA ALA B 42 2.97 21.86 -7.20
C ALA B 42 1.57 21.30 -7.40
N VAL B 43 0.60 21.77 -6.60
CA VAL B 43 -0.78 21.32 -6.75
C VAL B 43 -1.35 21.81 -8.07
N TYR B 44 -1.06 23.07 -8.43
CA TYR B 44 -1.52 23.62 -9.70
C TYR B 44 -1.12 22.72 -10.87
N PHE B 45 0.16 22.35 -10.94
CA PHE B 45 0.59 21.56 -12.09
C PHE B 45 0.06 20.13 -12.02
N THR B 46 -0.03 19.57 -10.82
CA THR B 46 -0.65 18.25 -10.69
C THR B 46 -2.07 18.27 -11.25
N GLU B 47 -2.86 19.27 -10.86
N GLU B 47 -2.87 19.26 -10.86
CA GLU B 47 -4.25 19.35 -11.30
CA GLU B 47 -4.25 19.33 -11.32
C GLU B 47 -4.36 19.69 -12.78
C GLU B 47 -4.33 19.65 -12.80
N LEU B 48 -3.43 20.51 -13.29
CA LEU B 48 -3.46 20.83 -14.72
C LEU B 48 -3.14 19.59 -15.54
N LEU B 49 -2.22 18.77 -15.05
CA LEU B 49 -1.88 17.54 -15.76
C LEU B 49 -3.04 16.56 -15.74
N LYS B 50 -3.78 16.48 -14.63
CA LYS B 50 -4.96 15.62 -14.58
C LYS B 50 -6.01 16.09 -15.59
N ALA B 51 -6.20 17.40 -15.71
CA ALA B 51 -7.14 17.91 -16.68
C ALA B 51 -6.69 17.60 -18.10
N ARG B 52 -5.39 17.74 -18.36
CA ARG B 52 -4.89 17.40 -19.69
C ARG B 52 -5.10 15.92 -19.99
N GLU B 53 -4.82 15.05 -19.00
N GLU B 53 -4.81 15.05 -19.02
CA GLU B 53 -5.00 13.61 -19.19
CA GLU B 53 -5.00 13.62 -19.24
C GLU B 53 -6.45 13.30 -19.52
C GLU B 53 -6.46 13.32 -19.56
N GLU B 54 -7.38 13.90 -18.77
CA GLU B 54 -8.80 13.59 -18.97
C GLU B 54 -9.29 14.05 -20.33
N SER B 55 -8.72 15.16 -20.85
N SER B 55 -8.74 15.16 -20.85
CA SER B 55 -9.14 15.67 -22.16
CA SER B 55 -9.13 15.68 -22.15
C SER B 55 -8.59 14.85 -23.31
C SER B 55 -8.57 14.87 -23.30
N GLY B 56 -7.62 13.99 -23.05
CA GLY B 56 -6.98 13.22 -24.10
C GLY B 56 -5.82 13.93 -24.73
N LEU B 57 -5.29 14.96 -24.06
CA LEU B 57 -4.26 15.79 -24.64
C LEU B 57 -2.86 15.42 -24.14
N ASP B 58 -2.70 14.32 -23.42
CA ASP B 58 -1.34 13.91 -23.07
C ASP B 58 -0.56 13.63 -24.35
N PRO B 59 0.72 14.01 -24.41
CA PRO B 59 1.51 13.73 -25.61
C PRO B 59 1.56 12.24 -25.91
N ALA B 60 1.43 11.91 -27.18
CA ALA B 60 1.53 10.52 -27.62
C ALA B 60 2.95 10.04 -27.41
N GLU B 61 3.10 8.89 -26.80
CA GLU B 61 4.42 8.31 -26.58
C GLU B 61 4.46 7.08 -27.48
N TRP B 62 5.01 7.24 -28.70
CA TRP B 62 4.86 6.17 -29.68
C TRP B 62 5.79 4.99 -29.41
N GLY B 63 6.78 5.16 -28.55
CA GLY B 63 7.54 4.00 -28.12
C GLY B 63 6.94 3.27 -26.95
N ALA B 64 5.91 3.83 -26.34
CA ALA B 64 5.31 3.31 -25.12
C ALA B 64 4.18 2.34 -25.48
N LYS B 65 3.75 1.56 -24.50
CA LYS B 65 2.69 0.60 -24.78
C LYS B 65 1.48 1.33 -25.32
N LEU B 66 0.90 0.78 -26.38
CA LEU B 66 -0.39 1.25 -26.92
C LEU B 66 -1.49 0.71 -26.01
N GLU B 67 -1.66 1.38 -24.86
CA GLU B 67 -2.47 0.85 -23.78
C GLU B 67 -3.96 0.98 -24.04
N ASP B 68 -4.37 1.98 -24.80
CA ASP B 68 -5.80 2.21 -25.02
C ASP B 68 -6.31 1.28 -26.12
N ARG B 69 -7.63 1.20 -26.22
CA ARG B 69 -8.29 0.29 -27.13
C ARG B 69 -9.36 1.03 -27.92
N PHE B 70 -9.51 0.66 -29.18
CA PHE B 70 -10.56 1.20 -30.03
C PHE B 70 -11.34 0.06 -30.65
N TYR B 71 -12.67 0.10 -30.59
CA TYR B 71 -13.49 -0.94 -31.17
C TYR B 71 -14.46 -0.36 -32.20
N ASN B 72 -14.71 -1.13 -33.26
CA ASN B 72 -15.81 -0.79 -34.16
C ASN B 72 -16.28 -2.05 -34.88
N ASN B 73 -17.59 -2.28 -34.85
CA ASN B 73 -18.13 -3.52 -35.38
C ASN B 73 -18.38 -3.38 -36.88
N HIS B 74 -18.23 -4.49 -37.60
CA HIS B 74 -18.54 -4.55 -39.03
C HIS B 74 -19.21 -5.89 -39.32
N ASN C 9 -9.15 -37.00 29.46
CA ASN C 9 -8.94 -37.33 28.06
C ASN C 9 -10.05 -36.74 27.22
N THR C 10 -9.68 -36.18 26.08
CA THR C 10 -10.64 -35.50 25.23
C THR C 10 -11.14 -36.44 24.13
N HIS C 11 -12.46 -36.55 24.02
CA HIS C 11 -13.10 -37.25 22.90
C HIS C 11 -14.23 -36.33 22.45
N LEU C 12 -14.13 -35.82 21.22
CA LEU C 12 -15.11 -34.86 20.70
C LEU C 12 -15.67 -35.41 19.40
N ARG C 13 -16.93 -35.06 19.14
CA ARG C 13 -17.58 -35.37 17.88
C ARG C 13 -17.54 -34.12 17.02
N ILE C 14 -17.24 -34.29 15.74
CA ILE C 14 -16.97 -33.16 14.85
C ILE C 14 -17.68 -33.37 13.53
N PRO C 15 -17.86 -32.28 12.76
CA PRO C 15 -18.66 -32.40 11.53
C PRO C 15 -18.00 -33.34 10.54
N ARG C 16 -18.84 -33.99 9.75
CA ARG C 16 -18.34 -34.78 8.64
C ARG C 16 -17.40 -33.94 7.79
N GLY C 17 -16.18 -34.46 7.60
CA GLY C 17 -15.14 -33.83 6.81
C GLY C 17 -14.08 -33.13 7.63
N PHE C 18 -14.41 -32.71 8.85
CA PHE C 18 -13.41 -32.02 9.65
C PHE C 18 -12.27 -32.94 10.04
N GLY C 19 -12.54 -34.24 10.22
CA GLY C 19 -11.46 -35.18 10.46
C GLY C 19 -10.46 -35.18 9.32
N ASN C 20 -10.95 -35.22 8.08
CA ASN C 20 -10.06 -35.13 6.94
C ASN C 20 -9.31 -33.79 6.91
N LEU C 21 -9.98 -32.71 7.29
CA LEU C 21 -9.32 -31.42 7.29
C LEU C 21 -8.13 -31.44 8.24
N LEU C 22 -8.33 -31.91 9.47
CA LEU C 22 -7.22 -32.02 10.40
C LEU C 22 -6.17 -33.00 9.90
N GLU C 23 -6.59 -34.10 9.28
CA GLU C 23 -5.60 -35.07 8.80
C GLU C 23 -4.69 -34.46 7.76
N GLY C 24 -5.24 -33.62 6.87
CA GLY C 24 -4.40 -33.01 5.84
C GLY C 24 -3.34 -32.11 6.42
N LEU C 25 -3.73 -31.27 7.38
CA LEU C 25 -2.75 -30.46 8.11
C LEU C 25 -1.70 -31.36 8.76
N THR C 26 -2.16 -32.37 9.48
CA THR C 26 -1.25 -33.22 10.25
C THR C 26 -0.24 -33.89 9.35
N ARG C 27 -0.69 -34.44 8.23
CA ARG C 27 0.25 -35.12 7.35
C ARG C 27 1.25 -34.15 6.76
N GLU C 28 0.83 -32.91 6.45
N GLU C 28 0.83 -32.91 6.46
CA GLU C 28 1.81 -31.97 5.91
CA GLU C 28 1.78 -31.94 5.92
C GLU C 28 2.78 -31.50 7.00
C GLU C 28 2.77 -31.47 6.99
N VAL C 29 2.34 -31.36 8.25
CA VAL C 29 3.27 -31.08 9.34
C VAL C 29 4.30 -32.20 9.48
N LEU C 30 3.85 -33.44 9.40
CA LEU C 30 4.80 -34.54 9.52
C LEU C 30 5.77 -34.57 8.35
N ARG C 31 5.30 -34.27 7.14
CA ARG C 31 6.13 -34.28 5.94
C ARG C 31 7.20 -33.20 5.97
N GLU C 32 6.88 -32.04 6.53
N GLU C 32 6.84 -32.03 6.49
CA GLU C 32 7.77 -30.89 6.45
CA GLU C 32 7.75 -30.92 6.45
C GLU C 32 8.63 -30.73 7.69
C GLU C 32 8.59 -30.74 7.70
N GLN C 33 8.16 -31.22 8.85
CA GLN C 33 8.82 -30.98 10.12
C GLN C 33 9.14 -29.50 10.32
N PRO C 34 8.13 -28.64 10.30
CA PRO C 34 8.37 -27.22 10.55
C PRO C 34 8.92 -27.02 11.94
N GLU C 35 9.89 -26.11 12.05
CA GLU C 35 10.37 -25.73 13.37
C GLU C 35 9.29 -24.98 14.16
N ASP C 36 8.36 -24.29 13.47
CA ASP C 36 7.30 -23.51 14.11
C ASP C 36 5.96 -23.99 13.55
N ILE C 37 5.30 -24.88 14.29
CA ILE C 37 4.13 -25.57 13.73
C ILE C 37 2.97 -24.60 13.52
N ALA C 38 2.72 -23.70 14.48
CA ALA C 38 1.58 -22.80 14.33
C ALA C 38 1.74 -21.88 13.13
N THR C 39 2.95 -21.39 12.88
CA THR C 39 3.16 -20.59 11.68
C THR C 39 2.90 -21.43 10.44
N PHE C 40 3.38 -22.67 10.45
CA PHE C 40 3.15 -23.57 9.32
C PHE C 40 1.66 -23.82 9.09
N ALA C 41 0.91 -23.99 10.18
CA ALA C 41 -0.52 -24.24 10.04
C ALA C 41 -1.24 -23.05 9.42
N ALA C 42 -0.86 -21.84 9.78
CA ALA C 42 -1.50 -20.69 9.16
C ALA C 42 -1.22 -20.67 7.66
N VAL C 43 0.01 -21.01 7.27
CA VAL C 43 0.36 -21.06 5.85
C VAL C 43 -0.39 -22.19 5.17
N TYR C 44 -0.49 -23.35 5.84
CA TYR C 44 -1.23 -24.49 5.29
C TYR C 44 -2.64 -24.09 4.90
N PHE C 45 -3.38 -23.44 5.81
CA PHE C 45 -4.78 -23.10 5.52
C PHE C 45 -4.87 -21.97 4.50
N THR C 46 -3.94 -21.03 4.54
CA THR C 46 -3.91 -19.99 3.51
C THR C 46 -3.76 -20.61 2.12
N GLU C 47 -2.82 -21.55 1.98
N GLU C 47 -2.82 -21.55 1.98
CA GLU C 47 -2.57 -22.18 0.68
CA GLU C 47 -2.59 -22.16 0.67
C GLU C 47 -3.72 -23.10 0.29
C GLU C 47 -3.74 -23.09 0.28
N LEU C 48 -4.33 -23.80 1.25
CA LEU C 48 -5.47 -24.65 0.93
C LEU C 48 -6.65 -23.82 0.45
N LEU C 49 -6.86 -22.67 1.07
CA LEU C 49 -7.94 -21.78 0.64
C LEU C 49 -7.68 -21.22 -0.76
N LYS C 50 -6.43 -20.89 -1.08
CA LYS C 50 -6.12 -20.45 -2.44
C LYS C 50 -6.40 -21.54 -3.46
N ALA C 51 -6.08 -22.79 -3.13
CA ALA C 51 -6.37 -23.89 -4.03
C ALA C 51 -7.86 -24.06 -4.19
N ARG C 52 -8.61 -23.95 -3.10
CA ARG C 52 -10.07 -24.06 -3.21
C ARG C 52 -10.62 -22.95 -4.09
N GLU C 53 -10.16 -21.72 -3.89
CA GLU C 53 -10.63 -20.61 -4.71
C GLU C 53 -10.37 -20.87 -6.20
N GLU C 54 -9.15 -21.28 -6.53
CA GLU C 54 -8.79 -21.51 -7.92
C GLU C 54 -9.61 -22.60 -8.57
N SER C 55 -9.97 -23.63 -7.79
N SER C 55 -10.00 -23.62 -7.81
CA SER C 55 -10.78 -24.71 -8.32
CA SER C 55 -10.79 -24.74 -8.34
C SER C 55 -12.25 -24.33 -8.52
C SER C 55 -12.26 -24.36 -8.56
N GLY C 56 -12.68 -23.20 -8.03
CA GLY C 56 -14.08 -22.80 -8.06
C GLY C 56 -14.94 -23.37 -6.95
N LEU C 57 -14.33 -23.86 -5.88
CA LEU C 57 -15.04 -24.54 -4.81
C LEU C 57 -15.31 -23.64 -3.62
N ASP C 58 -15.06 -22.34 -3.71
CA ASP C 58 -15.46 -21.47 -2.62
C ASP C 58 -16.97 -21.54 -2.44
N PRO C 59 -17.46 -21.55 -1.21
CA PRO C 59 -18.91 -21.58 -0.99
C PRO C 59 -19.58 -20.39 -1.65
N ALA C 60 -20.72 -20.65 -2.27
CA ALA C 60 -21.50 -19.59 -2.88
C ALA C 60 -22.09 -18.72 -1.79
N GLU C 61 -21.94 -17.43 -1.92
CA GLU C 61 -22.50 -16.49 -0.96
C GLU C 61 -23.61 -15.78 -1.74
N TRP C 62 -24.85 -16.26 -1.59
CA TRP C 62 -25.92 -15.77 -2.45
C TRP C 62 -26.40 -14.37 -2.05
N GLY C 63 -26.05 -13.90 -0.86
CA GLY C 63 -26.31 -12.51 -0.54
C GLY C 63 -25.23 -11.55 -1.00
N ALA C 64 -24.10 -12.08 -1.48
CA ALA C 64 -22.94 -11.29 -1.84
C ALA C 64 -23.03 -10.90 -3.33
N LYS C 65 -22.22 -9.94 -3.72
CA LYS C 65 -22.27 -9.48 -5.10
C LYS C 65 -22.01 -10.67 -6.03
N LEU C 66 -22.82 -10.77 -7.08
CA LEU C 66 -22.61 -11.74 -8.16
C LEU C 66 -21.51 -11.17 -9.06
N GLU C 67 -20.26 -11.30 -8.59
CA GLU C 67 -19.17 -10.59 -9.22
C GLU C 67 -18.62 -11.29 -10.45
N ASP C 68 -18.87 -12.60 -10.62
CA ASP C 68 -18.37 -13.26 -11.81
C ASP C 68 -19.33 -13.06 -12.98
N ARG C 69 -18.86 -13.40 -14.18
CA ARG C 69 -19.62 -13.19 -15.39
C ARG C 69 -19.64 -14.45 -16.24
N PHE C 70 -20.77 -14.68 -16.92
CA PHE C 70 -20.90 -15.77 -17.87
C PHE C 70 -21.41 -15.22 -19.19
N TYR C 71 -20.77 -15.61 -20.28
CA TYR C 71 -21.18 -15.16 -21.61
C TYR C 71 -21.49 -16.35 -22.51
N ASN C 72 -22.48 -16.17 -23.39
CA ASN C 72 -22.72 -17.15 -24.46
C ASN C 72 -23.45 -16.48 -25.61
N ASN C 73 -22.96 -16.71 -26.82
CA ASN C 73 -23.50 -16.07 -28.01
C ASN C 73 -24.73 -16.82 -28.52
N HIS C 74 -25.67 -16.08 -29.10
CA HIS C 74 -26.83 -16.68 -29.77
C HIS C 74 -27.16 -15.92 -31.05
N ASN D 9 -1.74 42.01 -24.18
CA ASN D 9 -0.58 41.95 -23.31
C ASN D 9 -0.89 41.95 -21.85
N THR D 10 -0.26 41.02 -21.14
CA THR D 10 -0.46 40.82 -19.72
C THR D 10 0.68 41.48 -18.96
N HIS D 11 0.32 42.33 -18.01
CA HIS D 11 1.27 42.92 -17.07
C HIS D 11 0.64 42.75 -15.69
N LEU D 12 1.26 41.93 -14.83
CA LEU D 12 0.71 41.66 -13.52
C LEU D 12 1.74 41.97 -12.44
N ARG D 13 1.24 42.39 -11.28
CA ARG D 13 2.09 42.61 -10.12
C ARG D 13 1.98 41.39 -9.22
N ILE D 14 3.10 40.93 -8.69
CA ILE D 14 3.13 39.65 -7.97
C ILE D 14 3.96 39.81 -6.70
N PRO D 15 3.80 38.88 -5.74
CA PRO D 15 4.45 39.05 -4.45
C PRO D 15 5.97 39.06 -4.58
N ARG D 16 6.62 39.79 -3.69
CA ARG D 16 8.07 39.73 -3.59
C ARG D 16 8.52 38.29 -3.46
N GLY D 17 9.42 37.88 -4.37
CA GLY D 17 9.97 36.54 -4.41
C GLY D 17 9.35 35.64 -5.45
N PHE D 18 8.11 35.91 -5.88
CA PHE D 18 7.49 35.04 -6.87
C PHE D 18 8.17 35.18 -8.23
N GLY D 19 8.72 36.35 -8.54
CA GLY D 19 9.50 36.46 -9.75
C GLY D 19 10.67 35.50 -9.76
N ASN D 20 11.40 35.44 -8.64
CA ASN D 20 12.49 34.48 -8.53
C ASN D 20 11.99 33.04 -8.60
N LEU D 21 10.82 32.76 -8.02
CA LEU D 21 10.30 31.39 -8.10
C LEU D 21 10.08 30.98 -9.55
N LEU D 22 9.41 31.86 -10.32
CA LEU D 22 9.20 31.59 -11.75
C LEU D 22 10.52 31.51 -12.51
N GLU D 23 11.48 32.37 -12.16
CA GLU D 23 12.76 32.34 -12.86
C GLU D 23 13.48 31.00 -12.65
N GLY D 24 13.39 30.43 -11.45
CA GLY D 24 14.07 29.17 -11.21
C GLY D 24 13.49 28.04 -12.04
N LEU D 25 12.17 27.97 -12.10
CA LEU D 25 11.54 27.02 -13.00
C LEU D 25 12.00 27.25 -14.43
N THR D 26 11.93 28.49 -14.87
CA THR D 26 12.21 28.82 -16.27
C THR D 26 13.61 28.41 -16.65
N ARG D 27 14.58 28.75 -15.79
CA ARG D 27 15.95 28.39 -16.13
C ARG D 27 16.17 26.88 -16.15
N GLU D 28 15.49 26.14 -15.29
CA GLU D 28 15.64 24.69 -15.34
C GLU D 28 14.95 24.10 -16.57
N VAL D 29 13.80 24.67 -17.00
CA VAL D 29 13.20 24.26 -18.27
C VAL D 29 14.15 24.50 -19.44
N LEU D 30 14.80 25.65 -19.44
CA LEU D 30 15.71 25.92 -20.55
C LEU D 30 16.93 25.00 -20.50
N ARG D 31 17.46 24.74 -19.31
CA ARG D 31 18.62 23.86 -19.16
C ARG D 31 18.33 22.44 -19.60
N GLU D 32 17.12 21.95 -19.33
N GLU D 32 17.11 21.94 -19.38
CA GLU D 32 16.79 20.56 -19.58
CA GLU D 32 16.77 20.54 -19.58
C GLU D 32 16.10 20.31 -20.92
C GLU D 32 16.09 20.26 -20.92
N GLN D 33 15.41 21.27 -21.48
CA GLN D 33 14.61 21.10 -22.68
C GLN D 33 13.70 19.88 -22.56
N PRO D 34 12.85 19.83 -21.55
CA PRO D 34 11.91 18.72 -21.42
C PRO D 34 10.99 18.67 -22.62
N GLU D 35 10.73 17.45 -23.09
CA GLU D 35 9.72 17.29 -24.14
C GLU D 35 8.32 17.63 -23.64
N ASP D 36 8.05 17.46 -22.34
CA ASP D 36 6.73 17.74 -21.74
C ASP D 36 6.93 18.72 -20.59
N ILE D 37 6.70 20.01 -20.87
CA ILE D 37 7.08 21.05 -19.91
C ILE D 37 6.23 20.98 -18.64
N ALA D 38 4.91 20.75 -18.78
CA ALA D 38 4.06 20.73 -17.58
C ALA D 38 4.44 19.60 -16.65
N THR D 39 4.76 18.41 -17.20
CA THR D 39 5.22 17.33 -16.34
C THR D 39 6.52 17.70 -15.64
N PHE D 40 7.44 18.32 -16.39
CA PHE D 40 8.70 18.78 -15.80
C PHE D 40 8.46 19.80 -14.69
N ALA D 41 7.51 20.72 -14.89
CA ALA D 41 7.23 21.73 -13.88
C ALA D 41 6.71 21.09 -12.59
N ALA D 42 5.87 20.07 -12.71
CA ALA D 42 5.37 19.43 -11.50
C ALA D 42 6.52 18.77 -10.74
N VAL D 43 7.45 18.15 -11.48
CA VAL D 43 8.63 17.54 -10.86
C VAL D 43 9.52 18.61 -10.26
N TYR D 44 9.70 19.72 -10.97
CA TYR D 44 10.50 20.82 -10.44
C TYR D 44 10.02 21.25 -9.06
N PHE D 45 8.71 21.51 -8.91
CA PHE D 45 8.22 22.00 -7.63
C PHE D 45 8.23 20.91 -6.57
N THR D 46 7.97 19.67 -6.97
CA THR D 46 8.10 18.57 -6.02
C THR D 46 9.50 18.50 -5.45
N GLU D 47 10.52 18.58 -6.31
N GLU D 47 10.51 18.57 -6.31
CA GLU D 47 11.90 18.48 -5.86
CA GLU D 47 11.90 18.48 -5.83
C GLU D 47 12.33 19.73 -5.10
C GLU D 47 12.28 19.73 -5.04
N LEU D 48 11.82 20.90 -5.47
CA LEU D 48 12.16 22.12 -4.74
C LEU D 48 11.57 22.07 -3.34
N LEU D 49 10.36 21.54 -3.20
CA LEU D 49 9.75 21.39 -1.89
C LEU D 49 10.51 20.41 -1.01
N LYS D 50 11.01 19.32 -1.60
CA LYS D 50 11.81 18.37 -0.83
C LYS D 50 13.08 19.04 -0.33
N ALA D 51 13.71 19.85 -1.17
CA ALA D 51 14.91 20.56 -0.74
C ALA D 51 14.59 21.55 0.37
N ARG D 52 13.47 22.26 0.24
CA ARG D 52 13.08 23.18 1.31
C ARG D 52 12.84 22.42 2.61
N GLU D 53 12.14 21.30 2.55
CA GLU D 53 11.88 20.50 3.74
C GLU D 53 13.19 20.06 4.41
N GLU D 54 14.14 19.59 3.61
CA GLU D 54 15.38 19.07 4.18
C GLU D 54 16.21 20.16 4.82
N SER D 55 16.15 21.39 4.29
N SER D 55 16.15 21.38 4.27
CA SER D 55 16.89 22.52 4.85
CA SER D 55 16.87 22.49 4.85
C SER D 55 16.27 23.04 6.15
C SER D 55 16.23 23.01 6.13
N GLY D 56 15.03 22.61 6.46
CA GLY D 56 14.34 23.16 7.62
C GLY D 56 13.56 24.41 7.35
N LEU D 57 13.30 24.73 6.09
CA LEU D 57 12.69 26.00 5.73
C LEU D 57 11.19 25.88 5.45
N ASP D 58 10.57 24.75 5.73
CA ASP D 58 9.12 24.69 5.59
C ASP D 58 8.50 25.70 6.54
N PRO D 59 7.45 26.40 6.11
CA PRO D 59 6.79 27.35 7.01
C PRO D 59 6.29 26.68 8.28
N ALA D 60 6.49 27.36 9.40
CA ALA D 60 6.01 26.86 10.67
C ALA D 60 4.50 26.91 10.68
N GLU D 61 3.87 25.82 11.04
CA GLU D 61 2.41 25.82 11.15
C GLU D 61 2.12 25.68 12.64
N TRP D 62 1.86 26.82 13.29
CA TRP D 62 1.78 26.83 14.75
C TRP D 62 0.48 26.22 15.29
N GLY D 63 -0.52 26.02 14.45
CA GLY D 63 -1.67 25.24 14.86
C GLY D 63 -1.53 23.76 14.69
N ALA D 64 -0.47 23.31 14.02
CA ALA D 64 -0.27 21.92 13.66
C ALA D 64 0.52 21.23 14.77
N LYS D 65 0.53 19.90 14.73
CA LYS D 65 1.24 19.16 15.78
C LYS D 65 2.70 19.59 15.80
N LEU D 66 3.22 19.84 17.00
CA LEU D 66 4.65 20.09 17.21
C LEU D 66 5.36 18.73 17.16
N GLU D 67 5.57 18.26 15.92
CA GLU D 67 5.98 16.89 15.69
C GLU D 67 7.46 16.66 15.97
N ASP D 68 8.28 17.70 15.83
CA ASP D 68 9.70 17.51 16.03
C ASP D 68 10.04 17.57 17.51
N ARG D 69 11.27 17.18 17.82
CA ARG D 69 11.73 17.08 19.19
C ARG D 69 13.09 17.74 19.33
N PHE D 70 13.32 18.37 20.49
CA PHE D 70 14.60 18.96 20.84
C PHE D 70 15.01 18.44 22.21
N TYR D 71 16.26 18.00 22.33
CA TYR D 71 16.78 17.52 23.60
C TYR D 71 18.02 18.30 24.02
N ASN D 72 18.18 18.51 25.33
CA ASN D 72 19.44 19.04 25.85
C ASN D 72 19.58 18.63 27.31
N ASN D 73 20.74 18.10 27.66
CA ASN D 73 20.94 17.59 29.01
C ASN D 73 21.32 18.70 29.98
N HIS D 74 20.90 18.54 31.23
CA HIS D 74 21.33 19.41 32.32
C HIS D 74 21.52 18.57 33.59
#